data_9C54
#
_entry.id   9C54
#
_cell.length_a   83.742
_cell.length_b   223.058
_cell.length_c   36.534
_cell.angle_alpha   90.000
_cell.angle_beta   90.000
_cell.angle_gamma   90.000
#
_symmetry.space_group_name_H-M   'C 2 2 21'
#
loop_
_entity.id
_entity.type
_entity.pdbx_description
1 polymer 'Tyrosine-protein phosphatase non-receptor type 2'
2 water water
#
_entity_poly.entity_id   1
_entity_poly.type   'polypeptide(L)'
_entity_poly.pdbx_seq_one_letter_code
;GMPTTIEREFEELDTQRRWQPLYLEIRNESHDYPHRVAKFPENRNRNRYRDVSPYDHSRVKLQNAENDYINASLVDIEEA
QRSYILTQGPLPNTCCHFWLMVWQQKTKAVVMLNRIVEKESVKCAQYWPTDDQEMLFKETGFSVKLLSEDVKSYYTVHLL
QLENINSGETRTISHFHYTTWPDFGVPESPASFLNFLFKVRESGSLNPDHGPAVIHCSAGIGRSGTFSLVDTCLVLMEKG
DDINIKQVLLNMRKYRMGLIQTPDQLRFSYMAIIEGAKCIKGDSSIQKRWKELSKEDLSPAFDHSPNKIMTEKYN
;
_entity_poly.pdbx_strand_id   A
#
# COMPACT_ATOMS: atom_id res chain seq x y z
N PRO A 3 -3.76 24.54 18.93
CA PRO A 3 -4.56 23.46 18.33
C PRO A 3 -4.82 23.67 16.84
N THR A 4 -4.49 22.65 16.04
CA THR A 4 -4.65 22.75 14.60
C THR A 4 -6.10 22.48 14.21
N THR A 5 -6.42 22.81 12.96
CA THR A 5 -7.75 22.51 12.43
C THR A 5 -8.01 21.01 12.44
N ILE A 6 -6.98 20.21 12.13
CA ILE A 6 -7.15 18.76 12.15
C ILE A 6 -7.34 18.26 13.58
N GLU A 7 -6.57 18.82 14.53
CA GLU A 7 -6.74 18.43 15.92
C GLU A 7 -8.10 18.87 16.47
N ARG A 8 -8.62 20.00 15.99
CA ARG A 8 -9.97 20.44 16.42
C ARG A 8 -11.01 19.45 15.89
N GLU A 9 -10.91 19.04 14.62
N GLU A 9 -10.91 19.04 14.62
CA GLU A 9 -11.86 18.09 14.07
CA GLU A 9 -11.86 18.09 14.07
C GLU A 9 -11.76 16.74 14.78
C GLU A 9 -11.76 16.73 14.76
N PHE A 10 -10.56 16.34 15.19
CA PHE A 10 -10.39 15.03 15.82
C PHE A 10 -11.10 14.97 17.17
N GLU A 11 -11.06 16.05 17.95
CA GLU A 11 -11.72 16.04 19.25
C GLU A 11 -13.23 16.10 19.09
N GLU A 12 -13.72 16.84 18.10
CA GLU A 12 -15.15 16.89 17.83
C GLU A 12 -15.69 15.51 17.46
N LEU A 13 -14.94 14.77 16.64
CA LEU A 13 -15.37 13.43 16.26
C LEU A 13 -15.33 12.47 17.44
N ASP A 14 -14.32 12.62 18.29
CA ASP A 14 -14.15 11.66 19.42
C ASP A 14 -15.20 11.93 20.49
N THR A 15 -15.33 13.18 20.92
CA THR A 15 -16.23 13.47 22.03
C THR A 15 -17.69 13.21 21.65
N GLN A 16 -18.05 13.43 20.38
CA GLN A 16 -19.41 13.21 19.92
C GLN A 16 -19.61 11.85 19.27
N ARG A 17 -18.57 11.02 19.22
CA ARG A 17 -18.66 9.66 18.67
C ARG A 17 -19.20 9.67 17.26
N ARG A 18 -18.59 10.50 16.40
N ARG A 18 -18.60 10.52 16.41
CA ARG A 18 -19.09 10.64 15.01
CA ARG A 18 -19.03 10.69 15.03
C ARG A 18 -18.14 9.96 14.01
C ARG A 18 -18.07 10.03 14.04
N TRP A 19 -17.29 9.04 14.49
CA TRP A 19 -16.38 8.36 13.58
C TRP A 19 -17.12 7.41 12.65
N GLN A 20 -18.15 6.72 13.17
CA GLN A 20 -18.89 5.79 12.33
C GLN A 20 -19.78 6.49 11.31
N PRO A 21 -20.55 7.54 11.65
CA PRO A 21 -21.28 8.24 10.58
C PRO A 21 -20.37 8.97 9.60
N LEU A 22 -19.21 9.46 10.05
CA LEU A 22 -18.25 10.03 9.10
C LEU A 22 -17.79 8.99 8.10
N TYR A 23 -17.51 7.77 8.57
CA TYR A 23 -17.11 6.70 7.65
C TYR A 23 -18.26 6.33 6.72
N LEU A 24 -19.50 6.30 7.25
CA LEU A 24 -20.65 6.06 6.39
C LEU A 24 -20.80 7.18 5.35
N GLU A 25 -20.56 8.43 5.76
CA GLU A 25 -20.59 9.55 4.82
C GLU A 25 -19.60 9.32 3.69
N ILE A 26 -18.38 8.92 4.02
CA ILE A 26 -17.37 8.61 3.01
C ILE A 26 -17.83 7.43 2.15
N ARG A 27 -18.46 6.44 2.78
CA ARG A 27 -19.01 5.32 2.02
C ARG A 27 -20.11 5.79 1.07
N ASN A 28 -20.99 6.66 1.54
CA ASN A 28 -22.11 7.11 0.71
C ASN A 28 -21.64 8.08 -0.38
N GLU A 29 -20.61 8.88 -0.10
CA GLU A 29 -20.11 9.85 -1.06
C GLU A 29 -19.10 9.25 -2.03
N SER A 30 -18.76 7.97 -1.87
CA SER A 30 -17.77 7.34 -2.74
C SER A 30 -18.37 7.06 -4.11
N HIS A 31 -17.77 7.64 -5.14
CA HIS A 31 -18.26 7.46 -6.50
C HIS A 31 -17.87 6.09 -7.03
N ASP A 32 -18.81 5.44 -7.71
CA ASP A 32 -18.54 4.17 -8.37
C ASP A 32 -18.07 4.43 -9.79
N TYR A 33 -17.09 3.65 -10.24
CA TYR A 33 -16.54 3.78 -11.58
C TYR A 33 -16.52 2.43 -12.25
N PRO A 34 -16.57 2.39 -13.58
CA PRO A 34 -16.56 1.10 -14.28
C PRO A 34 -15.31 0.30 -13.96
N HIS A 35 -15.50 -1.00 -13.75
CA HIS A 35 -14.41 -1.95 -13.56
C HIS A 35 -14.75 -3.20 -14.36
N ARG A 36 -14.92 -3.02 -15.68
CA ARG A 36 -15.36 -4.10 -16.54
C ARG A 36 -14.26 -5.12 -16.78
N VAL A 37 -13.04 -4.66 -17.03
CA VAL A 37 -11.96 -5.58 -17.37
C VAL A 37 -11.76 -6.59 -16.26
N ALA A 38 -11.86 -6.15 -15.00
CA ALA A 38 -11.66 -7.04 -13.87
C ALA A 38 -12.70 -8.16 -13.84
N LYS A 39 -13.88 -7.93 -14.43
CA LYS A 39 -14.95 -8.92 -14.45
C LYS A 39 -14.96 -9.78 -15.69
N PHE A 40 -14.00 -9.61 -16.60
CA PHE A 40 -13.89 -10.49 -17.75
C PHE A 40 -13.70 -11.93 -17.26
N PRO A 41 -14.34 -12.92 -17.90
CA PRO A 41 -14.19 -14.30 -17.44
C PRO A 41 -12.76 -14.79 -17.40
N GLU A 42 -11.92 -14.33 -18.33
CA GLU A 42 -10.53 -14.76 -18.36
C GLU A 42 -9.73 -14.24 -17.17
N ASN A 43 -10.24 -13.23 -16.47
CA ASN A 43 -9.52 -12.60 -15.36
C ASN A 43 -9.99 -13.09 -14.00
N ARG A 44 -10.87 -14.09 -13.96
CA ARG A 44 -11.38 -14.60 -12.70
C ARG A 44 -10.24 -15.11 -11.81
N ASN A 45 -9.30 -15.87 -12.38
CA ASN A 45 -8.21 -16.42 -11.60
C ASN A 45 -7.11 -15.41 -11.29
N ARG A 46 -7.31 -14.14 -11.66
CA ARG A 46 -6.35 -13.09 -11.36
C ARG A 46 -6.83 -12.17 -10.24
N ASN A 47 -8.02 -12.40 -9.70
CA ASN A 47 -8.59 -11.58 -8.64
C ASN A 47 -8.65 -12.40 -7.36
N ARG A 48 -8.07 -11.86 -6.28
CA ARG A 48 -8.13 -12.53 -4.99
C ARG A 48 -9.55 -12.49 -4.41
N TYR A 49 -10.23 -11.36 -4.55
CA TYR A 49 -11.56 -11.17 -3.99
C TYR A 49 -12.51 -10.69 -5.10
N ARG A 50 -13.73 -11.24 -5.09
N ARG A 50 -13.72 -11.25 -5.09
CA ARG A 50 -14.70 -10.89 -6.11
CA ARG A 50 -14.70 -10.89 -6.11
C ARG A 50 -15.21 -9.45 -5.97
C ARG A 50 -15.15 -9.44 -5.97
N ASP A 51 -15.21 -8.92 -4.74
CA ASP A 51 -15.74 -7.59 -4.48
C ASP A 51 -14.66 -6.51 -4.41
N VAL A 52 -13.42 -6.81 -4.79
CA VAL A 52 -12.35 -5.82 -4.83
C VAL A 52 -11.73 -5.86 -6.24
N SER A 53 -11.98 -4.81 -7.01
CA SER A 53 -11.53 -4.72 -8.40
C SER A 53 -10.94 -3.35 -8.66
N PRO A 54 -9.95 -3.24 -9.54
CA PRO A 54 -9.49 -1.93 -9.98
C PRO A 54 -10.44 -1.33 -11.00
N TYR A 55 -10.54 -0.01 -10.96
CA TYR A 55 -11.33 0.71 -11.95
C TYR A 55 -10.64 0.67 -13.31
N ASP A 56 -11.44 0.69 -14.37
CA ASP A 56 -10.88 0.62 -15.72
C ASP A 56 -9.97 1.80 -16.00
N HIS A 57 -10.34 3.00 -15.54
CA HIS A 57 -9.63 4.21 -15.91
C HIS A 57 -8.29 4.36 -15.18
N SER A 58 -8.08 3.65 -14.07
CA SER A 58 -6.87 3.81 -13.27
C SER A 58 -6.07 2.52 -13.09
N ARG A 59 -6.49 1.41 -13.70
CA ARG A 59 -5.80 0.16 -13.50
C ARG A 59 -4.43 0.17 -14.18
N VAL A 60 -3.50 -0.56 -13.59
CA VAL A 60 -2.17 -0.69 -14.16
C VAL A 60 -2.22 -1.80 -15.21
N LYS A 61 -1.73 -1.49 -16.41
CA LYS A 61 -1.75 -2.44 -17.51
C LYS A 61 -0.38 -3.11 -17.67
N LEU A 62 -0.39 -4.42 -17.86
CA LEU A 62 0.83 -5.17 -18.16
C LEU A 62 1.13 -5.02 -19.64
N GLN A 63 2.13 -4.23 -19.98
CA GLN A 63 2.40 -3.87 -21.37
C GLN A 63 2.93 -5.06 -22.15
N ASN A 64 2.38 -5.28 -23.35
CA ASN A 64 2.79 -6.27 -24.33
C ASN A 64 2.46 -7.71 -23.94
N ALA A 65 1.84 -7.94 -22.78
CA ALA A 65 1.42 -9.28 -22.44
C ALA A 65 0.14 -9.65 -23.18
N GLU A 66 -0.08 -10.95 -23.33
CA GLU A 66 -1.31 -11.43 -23.97
C GLU A 66 -2.55 -10.89 -23.24
N ASN A 67 -2.56 -11.03 -21.92
CA ASN A 67 -3.58 -10.45 -21.06
C ASN A 67 -2.90 -9.40 -20.19
N ASP A 68 -3.32 -8.15 -20.33
CA ASP A 68 -2.67 -7.03 -19.65
C ASP A 68 -3.26 -6.75 -18.27
N TYR A 69 -4.11 -7.64 -17.75
CA TYR A 69 -4.85 -7.35 -16.53
C TYR A 69 -4.07 -7.80 -15.30
N ILE A 70 -3.95 -6.89 -14.34
CA ILE A 70 -3.53 -7.22 -12.98
C ILE A 70 -4.40 -6.38 -12.04
N ASN A 71 -4.80 -6.98 -10.91
CA ASN A 71 -5.59 -6.25 -9.92
C ASN A 71 -4.66 -5.27 -9.21
N ALA A 72 -4.54 -4.08 -9.81
CA ALA A 72 -3.64 -3.04 -9.32
C ALA A 72 -4.13 -1.70 -9.87
N SER A 73 -4.06 -0.66 -9.04
CA SER A 73 -4.57 0.66 -9.37
C SER A 73 -3.47 1.69 -9.17
N LEU A 74 -3.31 2.59 -10.13
CA LEU A 74 -2.40 3.73 -10.00
C LEU A 74 -3.16 4.87 -9.35
N VAL A 75 -2.78 5.22 -8.12
CA VAL A 75 -3.42 6.30 -7.38
C VAL A 75 -2.55 7.54 -7.53
N ASP A 76 -3.04 8.52 -8.29
CA ASP A 76 -2.33 9.78 -8.49
C ASP A 76 -2.89 10.87 -7.58
N ILE A 77 -2.00 11.66 -7.01
CA ILE A 77 -2.37 12.87 -6.26
C ILE A 77 -1.48 13.98 -6.80
N GLU A 78 -1.93 14.64 -7.87
CA GLU A 78 -1.09 15.64 -8.55
C GLU A 78 -0.71 16.79 -7.62
N GLU A 79 -1.61 17.16 -6.71
CA GLU A 79 -1.34 18.25 -5.77
C GLU A 79 -0.19 17.94 -4.83
N ALA A 80 0.10 16.66 -4.58
CA ALA A 80 1.18 16.26 -3.71
C ALA A 80 2.41 15.78 -4.46
N GLN A 81 2.37 15.75 -5.79
CA GLN A 81 3.43 15.16 -6.60
C GLN A 81 3.72 13.73 -6.16
N ARG A 82 2.67 13.03 -5.73
CA ARG A 82 2.77 11.68 -5.21
C ARG A 82 1.92 10.75 -6.07
N SER A 83 2.45 9.55 -6.32
CA SER A 83 1.72 8.52 -7.05
C SER A 83 2.10 7.18 -6.46
N TYR A 84 1.08 6.39 -6.14
CA TYR A 84 1.27 5.04 -5.62
C TYR A 84 0.55 4.04 -6.51
N ILE A 85 1.03 2.80 -6.49
CA ILE A 85 0.31 1.68 -7.05
C ILE A 85 -0.18 0.83 -5.89
N LEU A 86 -1.50 0.70 -5.77
CA LEU A 86 -2.10 -0.16 -4.75
C LEU A 86 -2.58 -1.44 -5.43
N THR A 87 -2.25 -2.58 -4.83
CA THR A 87 -2.57 -3.86 -5.45
C THR A 87 -2.87 -4.88 -4.37
N GLN A 88 -3.50 -5.97 -4.78
CA GLN A 88 -3.79 -7.08 -3.89
C GLN A 88 -2.52 -7.89 -3.62
N GLY A 89 -2.58 -8.73 -2.59
CA GLY A 89 -1.56 -9.73 -2.39
C GLY A 89 -1.56 -10.69 -3.56
N PRO A 90 -0.43 -10.80 -4.25
CA PRO A 90 -0.36 -11.65 -5.45
C PRO A 90 -0.80 -13.08 -5.16
N LEU A 91 -1.45 -13.68 -6.14
CA LEU A 91 -1.79 -15.08 -6.15
C LEU A 91 -0.62 -15.88 -6.71
N PRO A 92 -0.59 -17.19 -6.50
CA PRO A 92 0.53 -17.99 -7.07
C PRO A 92 0.70 -17.79 -8.56
N ASN A 93 -0.39 -17.60 -9.30
CA ASN A 93 -0.34 -17.45 -10.75
C ASN A 93 -0.16 -16.00 -11.21
N THR A 94 -0.25 -15.03 -10.31
CA THR A 94 -0.03 -13.63 -10.69
C THR A 94 1.26 -13.06 -10.12
N CYS A 95 2.08 -13.86 -9.44
CA CYS A 95 3.37 -13.37 -8.97
C CYS A 95 4.22 -12.89 -10.13
N CYS A 96 4.18 -13.60 -11.26
CA CYS A 96 4.91 -13.17 -12.44
C CYS A 96 4.42 -11.83 -12.95
N HIS A 97 3.10 -11.62 -12.93
CA HIS A 97 2.55 -10.32 -13.34
C HIS A 97 2.95 -9.22 -12.36
N PHE A 98 2.94 -9.53 -11.06
CA PHE A 98 3.35 -8.55 -10.05
C PHE A 98 4.75 -8.02 -10.34
N TRP A 99 5.70 -8.92 -10.61
CA TRP A 99 7.07 -8.47 -10.86
C TRP A 99 7.22 -7.83 -12.23
N LEU A 100 6.45 -8.28 -13.22
CA LEU A 100 6.43 -7.59 -14.50
C LEU A 100 5.98 -6.15 -14.33
N MET A 101 4.96 -5.93 -13.49
CA MET A 101 4.49 -4.56 -13.24
C MET A 101 5.56 -3.74 -12.54
N VAL A 102 6.21 -4.32 -11.52
CA VAL A 102 7.27 -3.61 -10.81
C VAL A 102 8.36 -3.18 -11.78
N TRP A 103 8.75 -4.06 -12.70
CA TRP A 103 9.79 -3.70 -13.67
C TRP A 103 9.31 -2.58 -14.58
N GLN A 104 8.14 -2.73 -15.19
CA GLN A 104 7.68 -1.78 -16.21
C GLN A 104 7.40 -0.41 -15.62
N GLN A 105 6.96 -0.35 -14.37
CA GLN A 105 6.66 0.91 -13.73
C GLN A 105 7.87 1.55 -13.07
N LYS A 106 9.05 0.94 -13.17
CA LYS A 106 10.28 1.44 -12.58
C LYS A 106 10.13 1.65 -11.07
N THR A 107 9.36 0.76 -10.45
CA THR A 107 9.13 0.82 -9.02
C THR A 107 10.41 0.53 -8.25
N LYS A 108 10.66 1.30 -7.19
CA LYS A 108 11.83 1.10 -6.34
C LYS A 108 11.49 0.43 -5.02
N ALA A 109 10.29 0.64 -4.47
CA ALA A 109 9.92 0.09 -3.18
C ALA A 109 8.62 -0.70 -3.28
N VAL A 110 8.58 -1.83 -2.58
CA VAL A 110 7.36 -2.58 -2.35
C VAL A 110 7.06 -2.51 -0.86
N VAL A 111 5.89 -1.99 -0.51
CA VAL A 111 5.45 -1.87 0.87
C VAL A 111 4.40 -2.95 1.10
N MET A 112 4.73 -3.94 1.92
CA MET A 112 3.84 -5.06 2.22
C MET A 112 3.38 -4.95 3.66
N LEU A 113 2.07 -4.79 3.85
CA LEU A 113 1.51 -4.51 5.17
C LEU A 113 0.83 -5.71 5.80
N ASN A 114 0.95 -6.88 5.20
CA ASN A 114 0.27 -8.09 5.66
C ASN A 114 1.27 -9.22 5.85
N ARG A 115 0.90 -10.18 6.69
N ARG A 115 0.90 -10.18 6.70
CA ARG A 115 1.62 -11.44 6.73
CA ARG A 115 1.60 -11.44 6.75
C ARG A 115 1.10 -12.38 5.65
C ARG A 115 1.11 -12.35 5.62
N ILE A 116 1.94 -13.35 5.29
CA ILE A 116 1.56 -14.31 4.26
C ILE A 116 0.31 -15.09 4.68
N VAL A 117 0.24 -15.49 5.95
CA VAL A 117 -0.93 -16.16 6.49
C VAL A 117 -1.42 -15.35 7.69
N GLU A 118 -2.74 -15.18 7.76
CA GLU A 118 -3.37 -14.40 8.82
C GLU A 118 -4.68 -15.09 9.19
N LYS A 119 -4.78 -15.57 10.44
CA LYS A 119 -6.00 -16.19 10.95
C LYS A 119 -6.43 -17.37 10.07
N GLU A 120 -5.51 -18.33 9.94
CA GLU A 120 -5.73 -19.60 9.23
C GLU A 120 -5.97 -19.41 7.73
N SER A 121 -5.71 -18.23 7.19
CA SER A 121 -5.97 -17.94 5.78
C SER A 121 -4.74 -17.38 5.12
N VAL A 122 -4.45 -17.87 3.92
CA VAL A 122 -3.36 -17.34 3.11
C VAL A 122 -3.85 -16.05 2.45
N LYS A 123 -3.17 -14.94 2.74
CA LYS A 123 -3.55 -13.63 2.23
C LYS A 123 -2.68 -13.19 1.07
N CYS A 124 -1.62 -13.93 0.75
CA CYS A 124 -0.62 -13.48 -0.21
C CYS A 124 0.32 -14.64 -0.48
N ALA A 125 0.68 -14.82 -1.74
CA ALA A 125 1.63 -15.87 -2.08
C ALA A 125 3.05 -15.42 -1.73
N GLN A 126 3.92 -16.40 -1.49
CA GLN A 126 5.32 -16.10 -1.24
C GLN A 126 5.99 -15.69 -2.54
N TYR A 127 5.99 -14.39 -2.85
CA TYR A 127 6.47 -13.92 -4.14
C TYR A 127 7.93 -13.48 -4.12
N TRP A 128 8.60 -13.55 -2.97
CA TRP A 128 10.04 -13.33 -2.89
C TRP A 128 10.69 -14.48 -2.15
N PRO A 129 11.96 -14.78 -2.45
CA PRO A 129 12.62 -15.91 -1.78
C PRO A 129 12.99 -15.57 -0.35
N THR A 130 12.90 -16.58 0.52
CA THR A 130 13.30 -16.40 1.92
C THR A 130 14.74 -16.83 2.17
N ASP A 131 15.38 -17.52 1.22
CA ASP A 131 16.78 -17.90 1.40
C ASP A 131 17.60 -17.51 0.18
N ASP A 132 18.68 -18.24 -0.10
CA ASP A 132 19.55 -17.90 -1.20
C ASP A 132 19.18 -18.58 -2.50
N GLN A 133 18.06 -19.30 -2.54
CA GLN A 133 17.62 -19.93 -3.78
C GLN A 133 16.89 -18.90 -4.64
N GLU A 134 17.22 -18.89 -5.93
CA GLU A 134 16.58 -17.95 -6.84
C GLU A 134 15.11 -18.33 -7.05
N MET A 135 14.26 -17.30 -7.12
CA MET A 135 12.84 -17.49 -7.38
C MET A 135 12.56 -17.12 -8.83
N LEU A 136 12.12 -18.08 -9.62
CA LEU A 136 11.94 -17.92 -11.06
C LEU A 136 10.48 -17.68 -11.41
N PHE A 137 10.25 -16.76 -12.35
CA PHE A 137 8.92 -16.44 -12.87
C PHE A 137 9.04 -16.50 -14.39
N LYS A 138 8.84 -17.70 -14.94
CA LYS A 138 9.12 -17.93 -16.35
C LYS A 138 8.08 -17.34 -17.29
N GLU A 139 6.86 -17.09 -16.81
CA GLU A 139 5.83 -16.56 -17.70
C GLU A 139 6.17 -15.16 -18.17
N THR A 140 6.75 -14.34 -17.30
CA THR A 140 7.13 -12.97 -17.65
C THR A 140 8.63 -12.79 -17.81
N GLY A 141 9.43 -13.79 -17.47
CA GLY A 141 10.87 -13.71 -17.69
C GLY A 141 11.62 -12.92 -16.64
N PHE A 142 11.33 -13.19 -15.37
CA PHE A 142 11.98 -12.48 -14.28
C PHE A 142 12.45 -13.47 -13.23
N SER A 143 13.43 -13.03 -12.44
CA SER A 143 13.93 -13.80 -11.31
C SER A 143 14.19 -12.83 -10.16
N VAL A 144 13.97 -13.33 -8.94
CA VAL A 144 14.13 -12.53 -7.74
C VAL A 144 15.07 -13.25 -6.79
N LYS A 145 16.06 -12.52 -6.26
CA LYS A 145 17.00 -13.04 -5.29
C LYS A 145 16.94 -12.20 -4.03
N LEU A 146 17.09 -12.84 -2.88
CA LEU A 146 17.18 -12.16 -1.60
C LEU A 146 18.63 -11.76 -1.36
N LEU A 147 18.88 -10.45 -1.32
CA LEU A 147 20.24 -9.96 -1.15
C LEU A 147 20.60 -9.73 0.31
N SER A 148 19.66 -9.22 1.09
CA SER A 148 19.89 -8.93 2.50
C SER A 148 18.55 -8.71 3.16
N GLU A 149 18.52 -8.81 4.48
CA GLU A 149 17.29 -8.53 5.21
C GLU A 149 17.64 -7.95 6.57
N ASP A 150 16.89 -6.91 6.95
CA ASP A 150 17.08 -6.18 8.19
C ASP A 150 15.84 -6.41 9.05
N VAL A 151 15.97 -7.24 10.09
CA VAL A 151 14.82 -7.65 10.88
C VAL A 151 14.69 -6.74 12.09
N LYS A 152 13.57 -6.04 12.17
CA LYS A 152 13.21 -5.28 13.36
C LYS A 152 12.09 -6.03 14.09
N SER A 153 11.66 -5.45 15.22
CA SER A 153 10.71 -6.14 16.09
C SER A 153 9.36 -6.31 15.42
N TYR A 154 8.89 -5.30 14.67
CA TYR A 154 7.57 -5.36 14.07
C TYR A 154 7.59 -5.17 12.56
N TYR A 155 8.77 -5.13 11.94
CA TYR A 155 8.85 -5.09 10.50
C TYR A 155 10.21 -5.58 10.06
N THR A 156 10.30 -5.97 8.80
CA THR A 156 11.54 -6.43 8.19
C THR A 156 11.69 -5.76 6.84
N VAL A 157 12.92 -5.36 6.51
CA VAL A 157 13.24 -4.79 5.20
C VAL A 157 14.11 -5.80 4.47
N HIS A 158 13.59 -6.33 3.36
CA HIS A 158 14.35 -7.24 2.49
C HIS A 158 14.91 -6.46 1.32
N LEU A 159 16.20 -6.66 1.05
CA LEU A 159 16.83 -6.12 -0.16
C LEU A 159 16.74 -7.20 -1.23
N LEU A 160 16.05 -6.90 -2.32
CA LEU A 160 15.79 -7.88 -3.37
C LEU A 160 16.46 -7.44 -4.67
N GLN A 161 16.91 -8.43 -5.44
N GLN A 161 16.87 -8.42 -5.46
CA GLN A 161 17.42 -8.20 -6.78
CA GLN A 161 17.43 -8.21 -6.79
C GLN A 161 16.40 -8.71 -7.79
C GLN A 161 16.41 -8.72 -7.81
N LEU A 162 15.85 -7.80 -8.60
CA LEU A 162 14.90 -8.14 -9.64
C LEU A 162 15.66 -8.18 -10.97
N GLU A 163 15.73 -9.35 -11.57
CA GLU A 163 16.49 -9.56 -12.79
C GLU A 163 15.57 -9.87 -13.95
N ASN A 164 15.72 -9.12 -15.05
CA ASN A 164 15.13 -9.47 -16.33
C ASN A 164 16.00 -10.59 -16.92
N ILE A 165 15.49 -11.82 -16.85
CA ILE A 165 16.31 -12.96 -17.27
C ILE A 165 16.57 -12.97 -18.76
N ASN A 166 15.79 -12.22 -19.54
CA ASN A 166 16.00 -12.17 -20.98
C ASN A 166 17.06 -11.15 -21.35
N SER A 167 17.02 -9.96 -20.73
CA SER A 167 17.97 -8.91 -21.03
C SER A 167 19.18 -8.91 -20.09
N GLY A 168 19.07 -9.55 -18.93
CA GLY A 168 20.14 -9.56 -17.96
C GLY A 168 20.17 -8.36 -17.02
N GLU A 169 19.43 -7.30 -17.34
CA GLU A 169 19.40 -6.12 -16.48
C GLU A 169 18.82 -6.47 -15.12
N THR A 170 19.38 -5.86 -14.07
CA THR A 170 18.93 -6.06 -12.71
C THR A 170 18.66 -4.69 -12.07
N ARG A 171 17.68 -4.66 -11.17
CA ARG A 171 17.46 -3.53 -10.30
C ARG A 171 17.30 -4.02 -8.86
N THR A 172 17.69 -3.16 -7.93
CA THR A 172 17.56 -3.43 -6.51
C THR A 172 16.20 -2.93 -6.03
N ILE A 173 15.46 -3.80 -5.35
CA ILE A 173 14.11 -3.49 -4.86
C ILE A 173 14.14 -3.51 -3.33
N SER A 174 13.65 -2.45 -2.72
CA SER A 174 13.50 -2.39 -1.26
C SER A 174 12.12 -2.89 -0.89
N HIS A 175 12.06 -3.97 -0.12
CA HIS A 175 10.81 -4.63 0.27
C HIS A 175 10.58 -4.38 1.75
N PHE A 176 9.68 -3.45 2.06
CA PHE A 176 9.36 -3.09 3.44
C PHE A 176 8.17 -3.92 3.89
N HIS A 177 8.39 -4.80 4.86
CA HIS A 177 7.37 -5.77 5.29
C HIS A 177 6.93 -5.45 6.71
N TYR A 178 5.73 -4.88 6.83
CA TYR A 178 5.09 -4.66 8.13
C TYR A 178 4.38 -5.95 8.55
N THR A 179 4.79 -6.52 9.69
CA THR A 179 4.36 -7.87 10.05
C THR A 179 3.44 -7.93 11.27
N THR A 180 3.08 -6.80 11.88
CA THR A 180 2.24 -6.79 13.05
C THR A 180 0.98 -5.94 12.85
N TRP A 181 0.48 -5.87 11.62
CA TRP A 181 -0.73 -5.10 11.32
C TRP A 181 -1.85 -6.06 10.92
N PRO A 182 -2.81 -6.31 11.80
CA PRO A 182 -3.84 -7.30 11.49
C PRO A 182 -4.80 -6.81 10.41
N ASP A 183 -5.29 -7.75 9.62
CA ASP A 183 -6.26 -7.42 8.58
C ASP A 183 -7.52 -6.85 9.22
N PHE A 184 -8.12 -5.86 8.56
CA PHE A 184 -9.25 -5.11 9.08
C PHE A 184 -8.94 -4.45 10.42
N GLY A 185 -7.66 -4.25 10.72
CA GLY A 185 -7.26 -3.70 12.00
C GLY A 185 -6.36 -2.49 11.89
N VAL A 186 -5.69 -2.15 12.99
CA VAL A 186 -4.87 -0.94 13.06
C VAL A 186 -3.48 -1.33 13.55
N PRO A 187 -2.48 -0.47 13.33
CA PRO A 187 -1.17 -0.70 13.93
C PRO A 187 -1.22 -0.55 15.44
N GLU A 188 -0.10 -0.88 16.08
CA GLU A 188 -0.05 -0.86 17.54
C GLU A 188 -0.18 0.56 18.09
N SER A 189 0.39 1.54 17.40
CA SER A 189 0.36 2.92 17.84
C SER A 189 0.71 3.81 16.65
N PRO A 190 0.42 5.11 16.73
CA PRO A 190 0.88 6.02 15.67
C PRO A 190 2.39 6.06 15.56
N ALA A 191 3.13 5.87 16.66
CA ALA A 191 4.58 5.93 16.61
C ALA A 191 5.15 4.79 15.76
N SER A 192 4.68 3.56 16.00
CA SER A 192 5.19 2.42 15.25
C SER A 192 4.89 2.56 13.75
N PHE A 193 3.68 3.02 13.42
CA PHE A 193 3.36 3.22 12.01
C PHE A 193 4.22 4.32 11.40
N LEU A 194 4.33 5.45 12.10
CA LEU A 194 5.08 6.58 11.55
C LEU A 194 6.56 6.25 11.44
N ASN A 195 7.11 5.50 12.39
CA ASN A 195 8.50 5.05 12.29
C ASN A 195 8.70 4.20 11.04
N PHE A 196 7.76 3.31 10.76
CA PHE A 196 7.84 2.50 9.54
C PHE A 196 7.70 3.37 8.29
N LEU A 197 6.73 4.28 8.29
CA LEU A 197 6.52 5.14 7.12
C LEU A 197 7.74 6.00 6.83
N PHE A 198 8.33 6.60 7.86
CA PHE A 198 9.50 7.43 7.64
C PHE A 198 10.73 6.62 7.30
N LYS A 199 10.78 5.35 7.71
CA LYS A 199 11.81 4.45 7.22
C LYS A 199 11.70 4.26 5.71
N VAL A 200 10.47 4.11 5.21
CA VAL A 200 10.26 4.04 3.77
C VAL A 200 10.65 5.36 3.11
N ARG A 201 10.22 6.48 3.70
CA ARG A 201 10.55 7.79 3.16
C ARG A 201 12.05 8.04 3.14
N GLU A 202 12.75 7.68 4.22
CA GLU A 202 14.18 7.95 4.32
C GLU A 202 14.99 7.18 3.30
N SER A 203 14.47 6.05 2.78
CA SER A 203 15.16 5.32 1.74
C SER A 203 15.20 6.08 0.41
N GLY A 204 14.40 7.12 0.25
CA GLY A 204 14.31 7.83 -1.00
C GLY A 204 13.49 7.15 -2.06
N SER A 205 12.82 6.04 -1.73
CA SER A 205 12.09 5.27 -2.72
C SER A 205 10.76 5.89 -3.12
N LEU A 206 10.32 6.95 -2.44
CA LEU A 206 9.09 7.64 -2.78
C LEU A 206 9.33 8.95 -3.52
N ASN A 207 10.58 9.25 -3.83
CA ASN A 207 10.93 10.52 -4.47
C ASN A 207 10.53 10.50 -5.95
N PRO A 208 10.40 11.68 -6.57
CA PRO A 208 10.00 11.73 -7.99
C PRO A 208 11.03 11.16 -8.95
N ASP A 209 12.26 10.89 -8.49
CA ASP A 209 13.27 10.30 -9.36
C ASP A 209 13.15 8.79 -9.46
N HIS A 210 12.06 8.22 -8.94
CA HIS A 210 11.76 6.80 -9.04
C HIS A 210 10.32 6.63 -9.49
N GLY A 211 10.00 5.43 -9.97
CA GLY A 211 8.65 5.09 -10.30
C GLY A 211 7.78 4.97 -9.07
N PRO A 212 6.48 4.78 -9.25
CA PRO A 212 5.58 4.69 -8.10
C PRO A 212 5.86 3.46 -7.25
N ALA A 213 5.84 3.67 -5.94
CA ALA A 213 5.94 2.56 -5.01
C ALA A 213 4.71 1.65 -5.15
N VAL A 214 4.92 0.36 -4.91
CA VAL A 214 3.85 -0.61 -4.91
C VAL A 214 3.47 -0.89 -3.46
N ILE A 215 2.24 -0.55 -3.10
CA ILE A 215 1.69 -0.76 -1.77
C ILE A 215 0.68 -1.90 -1.85
N HIS A 216 0.82 -2.89 -0.98
CA HIS A 216 -0.14 -3.99 -1.01
C HIS A 216 -0.33 -4.56 0.40
N CYS A 217 -1.52 -5.11 0.62
CA CYS A 217 -1.81 -5.90 1.80
C CYS A 217 -2.50 -7.18 1.34
N SER A 218 -3.69 -7.47 1.89
CA SER A 218 -4.46 -8.60 1.38
C SER A 218 -5.22 -8.19 0.13
N ALA A 219 -6.22 -7.33 0.29
CA ALA A 219 -7.02 -6.84 -0.83
C ALA A 219 -6.41 -5.61 -1.49
N GLY A 220 -5.53 -4.90 -0.81
CA GLY A 220 -4.97 -3.68 -1.36
C GLY A 220 -5.83 -2.46 -1.17
N ILE A 221 -6.69 -2.44 -0.15
CA ILE A 221 -7.58 -1.30 0.07
C ILE A 221 -7.56 -0.86 1.53
N GLY A 222 -7.42 -1.80 2.45
CA GLY A 222 -7.59 -1.50 3.87
C GLY A 222 -6.35 -0.90 4.52
N ARG A 223 -5.39 -1.76 4.88
CA ARG A 223 -4.14 -1.27 5.42
C ARG A 223 -3.39 -0.45 4.38
N SER A 224 -3.44 -0.87 3.11
CA SER A 224 -2.82 -0.11 2.04
C SER A 224 -3.42 1.28 1.92
N GLY A 225 -4.74 1.39 2.07
CA GLY A 225 -5.38 2.70 2.05
C GLY A 225 -4.98 3.58 3.22
N THR A 226 -4.76 2.97 4.39
CA THR A 226 -4.33 3.73 5.56
C THR A 226 -2.93 4.28 5.36
N PHE A 227 -2.00 3.44 4.90
CA PHE A 227 -0.64 3.88 4.64
C PHE A 227 -0.62 5.04 3.66
N SER A 228 -1.29 4.88 2.51
CA SER A 228 -1.23 5.90 1.48
C SER A 228 -1.93 7.19 1.90
N LEU A 229 -3.00 7.09 2.69
CA LEU A 229 -3.71 8.29 3.10
C LEU A 229 -2.87 9.14 4.04
N VAL A 230 -2.20 8.50 5.01
CA VAL A 230 -1.37 9.25 5.94
C VAL A 230 -0.19 9.90 5.21
N ASP A 231 0.48 9.15 4.33
CA ASP A 231 1.63 9.69 3.63
C ASP A 231 1.23 10.84 2.70
N THR A 232 0.10 10.70 2.00
CA THR A 232 -0.34 11.78 1.11
C THR A 232 -0.70 13.03 1.90
N CYS A 233 -1.44 12.85 3.00
CA CYS A 233 -1.82 14.01 3.80
C CYS A 233 -0.61 14.67 4.44
N LEU A 234 0.40 13.89 4.81
CA LEU A 234 1.61 14.48 5.42
C LEU A 234 2.36 15.32 4.37
N VAL A 235 2.41 14.83 3.14
CA VAL A 235 3.10 15.57 2.05
C VAL A 235 2.35 16.88 1.80
N LEU A 236 1.03 16.81 1.70
CA LEU A 236 0.22 18.02 1.45
C LEU A 236 0.40 18.99 2.63
N MET A 237 0.34 18.48 3.85
CA MET A 237 0.40 19.38 5.03
C MET A 237 1.72 20.14 5.01
N GLU A 238 2.70 19.62 4.30
CA GLU A 238 4.01 20.30 4.21
C GLU A 238 3.85 21.59 3.39
N LYS A 239 3.27 21.49 2.19
CA LYS A 239 3.09 22.68 1.32
C LYS A 239 2.47 23.81 2.16
N ASP A 242 -4.14 24.08 4.95
CA ASP A 242 -5.10 23.25 5.73
C ASP A 242 -5.63 22.16 4.81
N ILE A 243 -5.62 20.91 5.27
CA ILE A 243 -6.03 19.79 4.38
C ILE A 243 -7.37 19.25 4.86
N ASN A 244 -8.18 18.73 3.94
CA ASN A 244 -9.45 18.10 4.34
C ASN A 244 -9.25 16.59 4.13
N ILE A 245 -8.93 15.87 5.20
CA ILE A 245 -8.65 14.41 5.12
C ILE A 245 -9.81 13.72 4.42
N LYS A 246 -11.05 14.11 4.75
CA LYS A 246 -12.18 13.45 4.11
C LYS A 246 -12.10 13.58 2.59
N GLN A 247 -11.89 14.79 2.10
CA GLN A 247 -11.81 15.00 0.65
C GLN A 247 -10.60 14.30 0.05
N VAL A 248 -9.47 14.31 0.75
CA VAL A 248 -8.30 13.59 0.25
C VAL A 248 -8.62 12.11 0.08
N LEU A 249 -9.28 11.51 1.07
CA LEU A 249 -9.64 10.10 0.98
C LEU A 249 -10.62 9.86 -0.15
N LEU A 250 -11.65 10.71 -0.28
CA LEU A 250 -12.61 10.53 -1.36
C LEU A 250 -11.93 10.65 -2.72
N ASN A 251 -11.03 11.61 -2.86
CA ASN A 251 -10.30 11.75 -4.13
C ASN A 251 -9.43 10.54 -4.40
N MET A 252 -8.80 9.98 -3.37
CA MET A 252 -8.01 8.77 -3.54
C MET A 252 -8.89 7.59 -3.93
N ARG A 253 -10.12 7.54 -3.40
CA ARG A 253 -11.05 6.46 -3.70
C ARG A 253 -11.56 6.52 -5.14
N LYS A 254 -11.37 7.64 -5.84
CA LYS A 254 -11.68 7.69 -7.26
C LYS A 254 -10.71 6.85 -8.08
N TYR A 255 -9.56 6.49 -7.51
CA TYR A 255 -8.56 5.69 -8.20
C TYR A 255 -8.60 4.22 -7.81
N ARG A 256 -9.09 3.89 -6.62
CA ARG A 256 -9.26 2.51 -6.20
C ARG A 256 -10.37 2.45 -5.16
N MET A 257 -11.29 1.49 -5.32
CA MET A 257 -12.46 1.39 -4.46
C MET A 257 -12.08 1.02 -3.03
N GLY A 258 -12.86 1.56 -2.08
CA GLY A 258 -12.92 1.02 -0.73
C GLY A 258 -11.73 1.29 0.16
N LEU A 259 -10.88 2.26 -0.19
CA LEU A 259 -9.74 2.59 0.65
C LEU A 259 -10.19 2.97 2.05
N ILE A 260 -9.51 2.42 3.06
CA ILE A 260 -9.90 2.47 4.47
C ILE A 260 -11.16 1.64 4.66
N GLN A 261 -11.04 0.53 5.39
CA GLN A 261 -12.10 -0.47 5.48
C GLN A 261 -12.96 -0.36 6.73
N THR A 262 -12.48 0.28 7.78
CA THR A 262 -13.20 0.37 9.04
C THR A 262 -13.13 1.80 9.56
N PRO A 263 -14.12 2.21 10.38
CA PRO A 263 -14.00 3.51 11.05
C PRO A 263 -12.78 3.63 11.93
N ASP A 264 -12.30 2.52 12.49
CA ASP A 264 -11.10 2.57 13.33
C ASP A 264 -9.86 2.88 12.50
N GLN A 265 -9.78 2.34 11.28
CA GLN A 265 -8.67 2.68 10.40
C GLN A 265 -8.71 4.14 10.01
N LEU A 266 -9.90 4.70 9.84
CA LEU A 266 -10.04 6.13 9.58
C LEU A 266 -9.57 6.94 10.78
N ARG A 267 -10.03 6.56 11.98
CA ARG A 267 -9.60 7.27 13.19
C ARG A 267 -8.09 7.18 13.38
N PHE A 268 -7.51 6.01 13.12
CA PHE A 268 -6.06 5.87 13.25
C PHE A 268 -5.33 6.74 12.25
N SER A 269 -5.85 6.83 11.02
CA SER A 269 -5.24 7.72 10.03
C SER A 269 -5.17 9.14 10.55
N TYR A 270 -6.26 9.63 11.15
CA TYR A 270 -6.26 10.95 11.75
C TYR A 270 -5.17 11.08 12.80
N MET A 271 -5.05 10.08 13.68
CA MET A 271 -4.06 10.13 14.74
C MET A 271 -2.64 10.13 14.17
N ALA A 272 -2.38 9.28 13.19
CA ALA A 272 -1.06 9.23 12.59
C ALA A 272 -0.73 10.53 11.86
N ILE A 273 -1.72 11.13 11.21
CA ILE A 273 -1.50 12.40 10.53
C ILE A 273 -1.19 13.50 11.53
N ILE A 274 -1.95 13.57 12.62
CA ILE A 274 -1.73 14.59 13.64
C ILE A 274 -0.35 14.41 14.27
N GLU A 275 0.01 13.18 14.60
CA GLU A 275 1.33 12.94 15.20
C GLU A 275 2.44 13.12 14.19
N GLY A 276 2.21 12.72 12.94
CA GLY A 276 3.20 12.93 11.90
C GLY A 276 3.41 14.38 11.53
N ALA A 277 2.40 15.22 11.77
CA ALA A 277 2.50 16.63 11.42
C ALA A 277 3.57 17.36 12.22
N LYS A 278 3.91 16.86 13.42
CA LYS A 278 4.94 17.50 14.22
C LYS A 278 6.30 17.47 13.54
N CYS A 279 6.54 16.51 12.64
CA CYS A 279 7.80 16.41 11.92
C CYS A 279 7.83 17.40 10.76
N ILE A 286 11.69 14.35 16.11
CA ILE A 286 10.62 13.55 16.68
C ILE A 286 10.67 12.13 16.11
N GLN A 287 11.34 12.00 14.95
CA GLN A 287 11.49 10.67 14.35
C GLN A 287 12.26 9.73 15.25
N LYS A 288 13.28 10.26 15.95
CA LYS A 288 14.00 9.44 16.91
C LYS A 288 13.09 9.02 18.07
N ARG A 289 12.19 9.91 18.48
CA ARG A 289 11.24 9.56 19.53
C ARG A 289 10.34 8.42 19.07
N TRP A 290 9.85 8.47 17.83
CA TRP A 290 9.01 7.40 17.31
C TRP A 290 9.75 6.07 17.31
N LYS A 291 11.02 6.08 16.91
CA LYS A 291 11.79 4.84 16.83
C LYS A 291 11.91 4.18 18.19
N GLU A 292 12.11 4.98 19.24
CA GLU A 292 12.20 4.43 20.59
C GLU A 292 10.85 3.90 21.06
N LEU A 293 9.78 4.67 20.84
CA LEU A 293 8.45 4.20 21.22
C LEU A 293 8.05 2.97 20.43
N SER A 294 8.48 2.87 19.17
CA SER A 294 8.17 1.70 18.37
C SER A 294 8.85 0.44 18.89
N LYS A 295 9.92 0.58 19.66
CA LYS A 295 10.73 -0.55 20.15
C LYS A 295 11.18 -1.44 19.00
N GLU A 296 11.64 -0.81 17.92
CA GLU A 296 12.02 -1.57 16.72
C GLU A 296 13.25 -2.42 16.96
N ASP A 297 14.11 -2.04 17.90
CA ASP A 297 15.31 -2.81 18.18
C ASP A 297 15.20 -3.51 19.53
#